data_1EHN
#
_entry.id   1EHN
#
_cell.length_a   200.440
_cell.length_b   131.617
_cell.length_c   59.344
_cell.angle_alpha   90.00
_cell.angle_beta   90.00
_cell.angle_gamma   90.00
#
_symmetry.space_group_name_H-M   'C 2 2 21'
#
loop_
_entity.id
_entity.type
_entity.pdbx_description
1 polymer 'CHITINASE A'
2 branched 2-acetamido-2-deoxy-beta-D-glucopyranose-(1-4)-2-acetamido-2-deoxy-beta-D-glucopyranose-(1-4)-2-acetamido-2-deoxy-beta-D-glucopyranose-(1-4)-2-acetamido-2-deoxy-beta-D-glucopyranose-(1-4)-2-acetamido-2-deoxy-beta-D-glucopyranose-(1-4)-2-acetamido-2-deoxy-beta-D-glucopyranose-(1-4)-2-acetamido-2-deoxy-beta-D-glucopyranose-(1-4)-2-acetamido-2-deoxy-beta-D-glucopyranose
3 water water
#
_entity_poly.entity_id   1
_entity_poly.type   'polypeptide(L)'
_entity_poly.pdbx_seq_one_letter_code
;AAPGKPTIAWGNTKFAIVEVDQAATAYNNLVKVKNAADVSVSWNLWNGDTGTTAKVLLNGKEAWSGPSTGSSGTANFKVN
KGGRYQMQVALCNADGCTASDATEIVVADTDGSHLAPLKEPLLEKNKPYKQNSGKVVGSYFVEWGVYGRNFTVDKIPAQN
LTHLLYGFIPICGGNGINDSLKEIEGSFQALQRSCQGREDFKVSIHDPFAALQKAQKGVTAWDDPYKGNFGQLMALKQAH
PDLKILPSIGGWTLSDPFFFMGDKVKRDRFVGSVKEFLQTWKFFDGVDIDWQFPGGKGANPNLGSPQDGETYVLLMKELR
AMLDQLSVETGRKYELTSAISAGKDKIDKVAYNVAQNSMDHIFLMSYDFYGAFDLKNLGHQTALNAPAWKPDTAYTTVNG
VNALLAQGVKPGKIVVGTAMYGRGWTGVNGYQNNIPFTGTATGPVKGTWENGIVDYRQIAGQFMSGEWQYTYDATAEAPY
VFKPSTGDLITFDDARSVQAKGKYVLDKQLGGLFSWEIDADNGDILNSMNASLGNSAGVQ
;
_entity_poly.pdbx_strand_id   A
#
loop_
_chem_comp.id
_chem_comp.type
_chem_comp.name
_chem_comp.formula
NAG D-saccharide, beta linking 2-acetamido-2-deoxy-beta-D-glucopyranose 'C8 H15 N O6'
#
# COMPACT_ATOMS: atom_id res chain seq x y z
N ALA A 1 18.92 -46.45 33.71
CA ALA A 1 19.49 -45.76 32.50
C ALA A 1 18.50 -44.68 32.06
N ALA A 2 18.95 -43.62 31.45
CA ALA A 2 18.06 -42.59 30.86
C ALA A 2 17.16 -43.21 29.84
N PRO A 3 16.13 -42.52 29.38
CA PRO A 3 15.17 -43.13 28.49
C PRO A 3 15.77 -43.31 27.10
N GLY A 4 15.14 -44.08 26.22
CA GLY A 4 15.59 -44.15 24.82
C GLY A 4 15.41 -42.78 24.14
N LYS A 5 16.06 -42.59 23.01
CA LYS A 5 15.89 -41.32 22.26
C LYS A 5 14.70 -41.39 21.33
N PRO A 6 13.71 -40.52 21.52
CA PRO A 6 12.47 -40.54 20.78
C PRO A 6 12.71 -40.06 19.33
N THR A 7 11.85 -40.48 18.45
CA THR A 7 11.83 -40.05 17.05
C THR A 7 10.59 -39.20 16.82
N ILE A 8 10.75 -37.93 16.41
CA ILE A 8 9.55 -37.10 16.16
C ILE A 8 8.74 -37.71 15.04
N ALA A 9 7.42 -37.77 15.19
CA ALA A 9 6.57 -38.37 14.18
C ALA A 9 6.49 -37.41 12.99
N TRP A 10 6.46 -38.00 11.79
CA TRP A 10 6.08 -37.19 10.63
C TRP A 10 4.74 -36.54 10.86
N GLY A 11 4.63 -35.26 10.48
CA GLY A 11 3.40 -34.53 10.67
C GLY A 11 3.57 -33.04 10.30
N ASN A 12 2.43 -32.37 10.27
CA ASN A 12 2.41 -30.95 9.92
C ASN A 12 3.31 -30.16 10.85
N THR A 13 4.18 -29.30 10.29
CA THR A 13 5.05 -28.49 11.16
C THR A 13 4.78 -27.01 10.91
N LYS A 14 3.71 -26.69 10.17
CA LYS A 14 3.47 -25.28 9.86
C LYS A 14 2.19 -24.83 10.49
N PHE A 15 2.32 -23.81 11.39
CA PHE A 15 1.19 -23.41 12.22
C PHE A 15 0.99 -21.88 12.14
N ALA A 16 -0.17 -21.38 12.54
CA ALA A 16 -0.43 -19.94 12.32
C ALA A 16 -1.15 -19.30 13.51
N ILE A 17 -0.76 -18.10 13.89
CA ILE A 17 -1.40 -17.34 14.97
C ILE A 17 -2.67 -16.65 14.44
N VAL A 18 -2.55 -16.16 13.23
CA VAL A 18 -3.72 -15.61 12.50
C VAL A 18 -4.09 -16.66 11.44
N GLU A 19 -5.19 -17.35 11.67
CA GLU A 19 -5.58 -18.47 10.81
C GLU A 19 -6.33 -17.92 9.61
N VAL A 20 -6.15 -18.59 8.47
CA VAL A 20 -6.83 -18.19 7.25
C VAL A 20 -7.73 -19.37 6.83
N ASP A 21 -9.03 -19.05 6.64
CA ASP A 21 -9.94 -20.14 6.22
C ASP A 21 -9.87 -20.20 4.70
N GLN A 22 -9.45 -21.34 4.15
CA GLN A 22 -9.21 -21.54 2.72
C GLN A 22 -10.51 -21.75 1.94
N ALA A 23 -11.67 -21.82 2.60
CA ALA A 23 -12.92 -21.96 1.89
C ALA A 23 -13.89 -20.91 2.43
N ALA A 24 -13.49 -19.67 2.35
CA ALA A 24 -14.29 -18.53 2.76
C ALA A 24 -14.07 -17.35 1.82
N THR A 25 -15.16 -16.68 1.45
CA THR A 25 -15.06 -15.49 0.61
C THR A 25 -15.49 -14.24 1.39
N ALA A 26 -16.14 -14.42 2.53
CA ALA A 26 -16.46 -13.23 3.35
C ALA A 26 -15.29 -12.90 4.27
N TYR A 27 -14.96 -11.61 4.34
CA TYR A 27 -13.81 -11.24 5.20
C TYR A 27 -13.97 -11.66 6.64
N ASN A 28 -15.16 -11.63 7.22
CA ASN A 28 -15.36 -12.08 8.59
C ASN A 28 -14.95 -13.52 8.85
N ASN A 29 -15.13 -14.39 7.86
CA ASN A 29 -14.80 -15.80 7.98
C ASN A 29 -13.38 -16.07 7.51
N LEU A 30 -12.82 -15.23 6.64
CA LEU A 30 -11.53 -15.49 6.02
C LEU A 30 -10.38 -15.52 7.02
N VAL A 31 -10.44 -14.62 8.01
CA VAL A 31 -9.28 -14.54 8.92
C VAL A 31 -9.76 -14.74 10.35
N LYS A 32 -8.98 -15.46 11.11
CA LYS A 32 -9.22 -15.64 12.55
C LYS A 32 -7.93 -15.38 13.34
N VAL A 33 -7.91 -14.26 14.06
CA VAL A 33 -6.83 -13.83 14.91
C VAL A 33 -6.95 -14.56 16.25
N LYS A 34 -5.97 -15.37 16.61
CA LYS A 34 -5.99 -16.03 17.91
C LYS A 34 -4.90 -15.34 18.74
N ASN A 35 -4.93 -15.58 20.07
CA ASN A 35 -3.79 -15.05 20.84
C ASN A 35 -2.57 -15.95 20.73
N ALA A 36 -2.76 -17.17 20.22
CA ALA A 36 -1.60 -18.06 20.05
C ALA A 36 -1.92 -19.14 19.02
N ALA A 37 -0.89 -19.71 18.42
CA ALA A 37 -1.10 -20.80 17.46
C ALA A 37 -1.28 -22.13 18.20
N ASP A 38 -2.26 -22.92 17.76
CA ASP A 38 -2.40 -24.29 18.25
C ASP A 38 -1.38 -25.19 17.59
N VAL A 39 -0.44 -25.72 18.37
CA VAL A 39 0.60 -26.56 17.77
C VAL A 39 0.45 -27.99 18.27
N SER A 40 0.82 -28.94 17.42
CA SER A 40 0.78 -30.35 17.84
C SER A 40 2.06 -31.03 17.45
N VAL A 41 2.56 -31.99 18.22
CA VAL A 41 3.70 -32.82 17.90
C VAL A 41 3.43 -34.24 18.47
N SER A 42 3.84 -35.21 17.69
CA SER A 42 3.77 -36.61 18.12
C SER A 42 5.16 -37.23 18.01
N TRP A 43 5.34 -38.36 18.73
CA TRP A 43 6.62 -39.03 18.76
C TRP A 43 6.44 -40.55 18.94
N ASN A 44 7.42 -41.32 18.53
CA ASN A 44 7.53 -42.74 18.78
C ASN A 44 8.87 -43.05 19.42
N LEU A 45 8.92 -44.06 20.27
CA LEU A 45 10.20 -44.54 20.76
C LEU A 45 10.36 -45.99 20.25
N TRP A 46 11.35 -46.13 19.39
CA TRP A 46 11.64 -47.35 18.65
C TRP A 46 12.52 -48.24 19.51
N ASN A 47 13.36 -47.69 20.38
CA ASN A 47 14.24 -48.47 21.22
C ASN A 47 14.17 -47.99 22.66
N GLY A 48 13.74 -48.81 23.61
CA GLY A 48 14.13 -48.47 24.99
C GLY A 48 12.97 -48.16 25.91
N ASP A 49 13.37 -47.70 27.10
CA ASP A 49 12.44 -47.34 28.17
C ASP A 49 11.83 -46.00 27.78
N THR A 50 10.53 -45.80 27.92
CA THR A 50 9.96 -44.53 27.44
C THR A 50 10.11 -43.43 28.47
N GLY A 51 10.80 -43.63 29.62
CA GLY A 51 10.91 -42.54 30.57
C GLY A 51 9.62 -42.35 31.35
N THR A 52 9.54 -41.40 32.28
CA THR A 52 8.28 -41.14 32.96
C THR A 52 7.71 -39.77 32.68
N THR A 53 8.48 -38.83 32.08
CA THR A 53 7.90 -37.55 31.69
C THR A 53 8.31 -37.26 30.23
N ALA A 54 7.38 -36.77 29.43
CA ALA A 54 7.76 -36.36 28.07
C ALA A 54 7.62 -34.84 28.00
N LYS A 55 8.48 -34.19 27.23
CA LYS A 55 8.45 -32.73 27.18
C LYS A 55 8.61 -32.33 25.69
N VAL A 56 7.96 -31.24 25.35
CA VAL A 56 8.29 -30.65 24.03
C VAL A 56 9.05 -29.34 24.29
N LEU A 57 10.23 -29.25 23.69
CA LEU A 57 11.06 -28.05 23.81
C LEU A 57 11.07 -27.23 22.52
N LEU A 58 11.09 -25.91 22.64
CA LEU A 58 11.32 -25.07 21.46
C LEU A 58 12.60 -24.26 21.72
N ASN A 59 13.62 -24.49 20.93
CA ASN A 59 14.94 -23.87 21.23
C ASN A 59 15.36 -24.16 22.68
N GLY A 60 15.15 -25.39 23.18
CA GLY A 60 15.58 -25.72 24.52
C GLY A 60 14.60 -25.46 25.62
N LYS A 61 13.56 -24.68 25.36
CA LYS A 61 12.65 -24.26 26.40
C LYS A 61 11.34 -25.02 26.35
N GLU A 62 10.96 -25.56 27.51
CA GLU A 62 9.75 -26.39 27.59
C GLU A 62 8.51 -25.67 27.14
N ALA A 63 7.78 -26.21 26.17
CA ALA A 63 6.46 -25.70 25.82
C ALA A 63 5.33 -26.57 26.31
N TRP A 64 5.64 -27.83 26.68
CA TRP A 64 4.60 -28.79 27.07
C TRP A 64 5.30 -29.87 27.89
N SER A 65 4.60 -30.43 28.87
CA SER A 65 5.19 -31.62 29.53
C SER A 65 4.05 -32.48 30.05
N GLY A 66 4.26 -33.77 30.07
CA GLY A 66 3.18 -34.65 30.56
C GLY A 66 3.86 -36.02 30.81
N PRO A 67 3.05 -36.88 31.40
CA PRO A 67 3.53 -38.19 31.82
C PRO A 67 3.88 -38.94 30.55
N SER A 68 4.93 -39.76 30.54
CA SER A 68 5.24 -40.57 29.33
C SER A 68 4.63 -41.97 29.56
N THR A 69 3.54 -42.30 28.90
CA THR A 69 2.80 -43.52 29.25
C THR A 69 2.91 -44.65 28.25
N GLY A 70 3.74 -44.49 27.22
CA GLY A 70 3.87 -45.63 26.28
C GLY A 70 4.80 -45.16 25.17
N SER A 71 4.91 -46.04 24.17
CA SER A 71 5.94 -45.84 23.17
C SER A 71 5.59 -44.74 22.16
N SER A 72 4.35 -44.28 22.12
CA SER A 72 4.06 -43.12 21.26
C SER A 72 3.29 -42.10 22.09
N GLY A 73 3.31 -40.85 21.69
CA GLY A 73 2.52 -39.86 22.41
C GLY A 73 2.29 -38.66 21.50
N THR A 74 1.39 -37.83 21.95
CA THR A 74 1.04 -36.61 21.24
C THR A 74 0.89 -35.48 22.27
N ALA A 75 1.35 -34.29 21.88
CA ALA A 75 1.23 -33.13 22.73
C ALA A 75 0.56 -31.99 21.96
N ASN A 76 -0.33 -31.28 22.59
CA ASN A 76 -1.00 -30.12 21.95
C ASN A 76 -0.75 -28.95 22.92
N PHE A 77 -0.27 -27.83 22.39
CA PHE A 77 0.10 -26.69 23.21
C PHE A 77 0.02 -25.44 22.34
N LYS A 78 0.17 -24.27 22.96
CA LYS A 78 0.04 -23.01 22.25
C LYS A 78 1.36 -22.28 22.14
N VAL A 79 1.61 -21.60 21.01
CA VAL A 79 2.83 -20.83 20.83
C VAL A 79 2.38 -19.39 20.48
N ASN A 80 2.85 -18.39 21.27
CA ASN A 80 2.18 -17.09 21.09
C ASN A 80 3.11 -16.14 20.40
N LYS A 81 4.26 -16.58 19.89
CA LYS A 81 5.08 -15.69 19.08
C LYS A 81 5.48 -16.31 17.77
N GLY A 82 5.35 -15.53 16.68
CA GLY A 82 5.67 -16.09 15.36
C GLY A 82 7.14 -16.29 15.15
N GLY A 83 7.60 -17.21 14.29
CA GLY A 83 9.00 -17.35 13.93
C GLY A 83 9.28 -18.84 13.67
N ARG A 84 10.53 -19.22 13.57
CA ARG A 84 10.85 -20.62 13.27
C ARG A 84 11.57 -21.17 14.51
N TYR A 85 11.19 -22.36 14.93
CA TYR A 85 11.74 -22.91 16.18
C TYR A 85 12.34 -24.29 15.94
N GLN A 86 13.43 -24.58 16.67
CA GLN A 86 13.97 -25.93 16.65
C GLN A 86 13.22 -26.72 17.73
N MET A 87 12.39 -27.66 17.33
CA MET A 87 11.52 -28.31 18.33
C MET A 87 12.09 -29.70 18.60
N GLN A 88 12.11 -30.10 19.86
CA GLN A 88 12.62 -31.40 20.24
C GLN A 88 11.63 -32.08 21.18
N VAL A 89 11.51 -33.38 21.14
CA VAL A 89 10.79 -34.13 22.18
C VAL A 89 11.82 -34.72 23.11
N ALA A 90 11.71 -34.58 24.42
CA ALA A 90 12.71 -35.20 25.31
C ALA A 90 11.92 -36.16 26.24
N LEU A 91 12.47 -37.35 26.47
CA LEU A 91 11.88 -38.24 27.47
C LEU A 91 12.81 -38.21 28.67
N CYS A 92 12.26 -38.09 29.86
CA CYS A 92 13.07 -37.93 31.07
C CYS A 92 12.68 -38.98 32.12
N ASN A 93 13.66 -39.42 32.89
CA ASN A 93 13.34 -40.20 34.09
C ASN A 93 14.40 -39.78 35.12
N ALA A 94 14.40 -40.46 36.26
CA ALA A 94 15.35 -40.00 37.29
C ALA A 94 16.79 -40.08 36.81
N ASP A 95 17.17 -41.01 35.92
CA ASP A 95 18.53 -41.15 35.48
C ASP A 95 18.92 -40.22 34.33
N GLY A 96 18.02 -39.43 33.78
CA GLY A 96 18.44 -38.48 32.75
C GLY A 96 17.32 -38.18 31.74
N CYS A 97 17.60 -37.21 30.88
CA CYS A 97 16.70 -36.78 29.81
C CYS A 97 17.42 -37.01 28.46
N THR A 98 16.64 -37.52 27.50
CA THR A 98 17.25 -37.90 26.23
C THR A 98 16.37 -37.16 25.19
N ALA A 99 17.00 -36.28 24.44
CA ALA A 99 16.21 -35.40 23.56
C ALA A 99 16.30 -35.90 22.14
N SER A 100 15.22 -35.79 21.39
CA SER A 100 15.22 -36.18 19.99
C SER A 100 16.15 -35.23 19.21
N ASP A 101 16.44 -35.61 17.97
CA ASP A 101 16.95 -34.61 17.03
C ASP A 101 15.88 -33.53 16.89
N ALA A 102 16.34 -32.35 16.51
CA ALA A 102 15.46 -31.20 16.30
C ALA A 102 14.70 -31.25 14.99
N THR A 103 13.43 -30.86 15.03
CA THR A 103 12.61 -30.65 13.82
C THR A 103 12.20 -29.18 13.84
N GLU A 104 12.43 -28.45 12.76
CA GLU A 104 11.98 -27.05 12.67
C GLU A 104 10.47 -26.96 12.57
N ILE A 105 9.82 -26.09 13.34
CA ILE A 105 8.41 -25.84 13.19
C ILE A 105 8.23 -24.35 12.88
N VAL A 106 7.20 -24.06 12.09
CA VAL A 106 7.03 -22.71 11.59
C VAL A 106 5.74 -22.14 12.20
N VAL A 107 5.87 -21.08 12.98
CA VAL A 107 4.69 -20.41 13.56
C VAL A 107 4.51 -19.07 12.86
N ALA A 108 3.51 -19.03 12.01
CA ALA A 108 3.23 -17.84 11.20
C ALA A 108 2.52 -16.76 12.01
N ASP A 109 2.87 -15.51 11.66
CA ASP A 109 2.10 -14.35 12.15
C ASP A 109 2.18 -13.24 11.10
N THR A 110 1.32 -12.23 11.18
CA THR A 110 1.20 -11.28 10.07
C THR A 110 2.20 -10.14 10.10
N ASP A 111 3.16 -10.20 11.03
CA ASP A 111 4.37 -9.40 10.86
C ASP A 111 5.37 -10.06 9.93
N GLY A 112 5.17 -11.29 9.46
CA GLY A 112 6.11 -11.85 8.50
C GLY A 112 7.30 -12.52 9.21
N SER A 113 7.15 -12.72 10.51
CA SER A 113 8.25 -13.27 11.33
C SER A 113 8.60 -14.70 10.95
N HIS A 114 7.69 -15.40 10.29
CA HIS A 114 7.94 -16.75 9.78
C HIS A 114 8.54 -16.78 8.39
N LEU A 115 8.67 -15.65 7.70
CA LEU A 115 9.05 -15.69 6.29
C LEU A 115 10.51 -15.34 6.04
N ALA A 116 11.10 -15.85 4.97
CA ALA A 116 12.41 -15.35 4.55
C ALA A 116 12.19 -13.93 4.02
N PRO A 117 13.24 -13.12 4.03
CA PRO A 117 13.14 -11.76 3.52
C PRO A 117 12.90 -11.82 2.02
N LEU A 118 11.98 -11.04 1.49
CA LEU A 118 11.88 -10.96 0.03
C LEU A 118 12.77 -9.81 -0.46
N LYS A 119 14.01 -10.11 -0.75
CA LYS A 119 14.94 -9.09 -1.25
C LYS A 119 15.36 -9.48 -2.66
N GLU A 120 14.55 -8.98 -3.59
CA GLU A 120 14.67 -9.23 -5.04
C GLU A 120 15.51 -8.17 -5.72
N PRO A 121 16.11 -8.55 -6.83
CA PRO A 121 16.90 -7.67 -7.68
C PRO A 121 16.06 -6.55 -8.29
N LEU A 122 16.70 -5.40 -8.42
CA LEU A 122 16.11 -4.29 -9.15
C LEU A 122 15.85 -4.67 -10.59
N LEU A 123 14.69 -4.33 -11.13
CA LEU A 123 14.39 -4.65 -12.52
C LEU A 123 14.38 -3.39 -13.39
N GLU A 124 14.22 -3.66 -14.67
CA GLU A 124 14.16 -2.63 -15.71
C GLU A 124 15.33 -1.63 -15.56
N LYS A 125 14.98 -0.36 -15.43
CA LYS A 125 15.99 0.71 -15.37
C LYS A 125 16.22 1.25 -13.94
N ASN A 126 15.66 0.57 -12.96
CA ASN A 126 15.79 0.99 -11.55
C ASN A 126 17.25 0.88 -11.11
N LYS A 127 17.81 1.89 -10.49
CA LYS A 127 19.17 1.82 -9.93
C LYS A 127 19.08 2.02 -8.44
N PRO A 128 20.03 1.51 -7.69
CA PRO A 128 19.98 1.47 -6.24
C PRO A 128 20.29 2.81 -5.61
N TYR A 129 19.43 3.26 -4.70
CA TYR A 129 19.66 4.47 -3.92
C TYR A 129 19.60 4.15 -2.44
N LYS A 130 20.40 4.85 -1.68
CA LYS A 130 20.30 4.83 -0.23
C LYS A 130 19.24 5.83 0.21
N GLN A 131 18.39 5.46 1.18
CA GLN A 131 17.50 6.47 1.74
C GLN A 131 18.23 7.32 2.77
N ASN A 132 18.99 8.32 2.38
CA ASN A 132 19.73 9.07 3.41
C ASN A 132 19.50 10.57 3.34
N SER A 133 18.55 11.02 2.50
CA SER A 133 18.21 12.43 2.46
C SER A 133 17.37 12.91 3.63
N GLY A 134 16.72 12.00 4.37
CA GLY A 134 15.68 12.37 5.30
C GLY A 134 14.38 12.79 4.63
N LYS A 135 14.22 12.60 3.32
CA LYS A 135 13.00 13.03 2.65
C LYS A 135 12.11 11.80 2.37
N VAL A 136 10.82 12.06 2.28
CA VAL A 136 9.88 11.02 1.84
C VAL A 136 10.13 10.71 0.36
N VAL A 137 10.20 9.41 0.08
CA VAL A 137 10.14 8.88 -1.28
C VAL A 137 9.07 7.75 -1.29
N GLY A 138 7.90 8.10 -1.83
CA GLY A 138 6.74 7.21 -1.66
C GLY A 138 6.17 6.74 -2.99
N SER A 139 5.46 5.60 -2.96
CA SER A 139 4.75 5.23 -4.20
C SER A 139 3.58 4.33 -3.81
N TYR A 140 2.56 4.32 -4.69
CA TYR A 140 1.40 3.47 -4.42
C TYR A 140 1.57 2.13 -5.18
N PHE A 141 1.21 1.04 -4.59
CA PHE A 141 1.06 -0.25 -5.23
C PHE A 141 -0.42 -0.63 -5.23
N VAL A 142 -0.92 -1.10 -6.39
CA VAL A 142 -2.38 -1.30 -6.48
C VAL A 142 -2.68 -2.77 -6.45
N GLU A 143 -3.68 -3.14 -5.63
CA GLU A 143 -4.03 -4.54 -5.41
C GLU A 143 -4.36 -5.24 -6.72
N TRP A 144 -5.08 -4.57 -7.62
CA TRP A 144 -5.48 -5.20 -8.89
C TRP A 144 -4.41 -5.23 -9.96
N GLY A 145 -3.21 -4.71 -9.67
CA GLY A 145 -2.12 -4.68 -10.63
C GLY A 145 -1.49 -6.06 -10.89
N VAL A 146 -1.80 -7.07 -10.10
CA VAL A 146 -1.25 -8.41 -10.23
C VAL A 146 -1.85 -9.25 -11.34
N TYR A 147 -2.95 -8.81 -11.93
CA TYR A 147 -3.58 -9.50 -13.05
C TYR A 147 -2.99 -9.01 -14.39
N GLY A 148 -3.77 -8.28 -15.19
CA GLY A 148 -3.29 -7.87 -16.51
C GLY A 148 -2.01 -7.08 -16.50
N ARG A 149 -1.86 -6.14 -15.56
CA ARG A 149 -0.61 -5.40 -15.42
C ARG A 149 0.59 -6.28 -14.99
N ASN A 150 0.27 -7.41 -14.39
CA ASN A 150 1.26 -8.44 -13.96
C ASN A 150 2.36 -7.89 -13.05
N PHE A 151 2.02 -6.94 -12.18
CA PHE A 151 3.06 -6.27 -11.39
C PHE A 151 2.83 -6.65 -9.94
N THR A 152 3.72 -7.47 -9.42
CA THR A 152 3.57 -8.08 -8.10
C THR A 152 4.58 -7.45 -7.15
N VAL A 153 4.40 -7.72 -5.84
CA VAL A 153 5.23 -7.08 -4.82
C VAL A 153 6.72 -7.37 -5.00
N ASP A 154 7.04 -8.54 -5.53
CA ASP A 154 8.48 -8.83 -5.77
C ASP A 154 9.08 -7.96 -6.85
N LYS A 155 8.27 -7.27 -7.66
CA LYS A 155 8.80 -6.31 -8.63
C LYS A 155 8.95 -4.90 -8.10
N ILE A 156 8.48 -4.58 -6.89
CA ILE A 156 8.70 -3.21 -6.37
C ILE A 156 10.18 -3.02 -6.09
N PRO A 157 10.72 -1.88 -6.53
CA PRO A 157 12.11 -1.46 -6.22
C PRO A 157 12.17 -0.89 -4.83
N ALA A 158 11.95 -1.74 -3.82
CA ALA A 158 11.58 -1.32 -2.48
C ALA A 158 12.69 -0.65 -1.70
N GLN A 159 13.97 -0.99 -2.03
CA GLN A 159 15.07 -0.24 -1.40
C GLN A 159 15.04 1.23 -1.74
N ASN A 160 14.40 1.63 -2.85
CA ASN A 160 14.37 3.02 -3.31
C ASN A 160 13.14 3.76 -2.82
N LEU A 161 12.46 3.25 -1.81
CA LEU A 161 11.33 3.95 -1.21
C LEU A 161 11.48 4.13 0.28
N THR A 162 10.88 5.17 0.87
CA THR A 162 10.66 5.21 2.29
C THR A 162 9.24 4.75 2.67
N HIS A 163 8.30 4.90 1.74
CA HIS A 163 6.89 4.68 2.02
C HIS A 163 6.27 3.92 0.83
N LEU A 164 5.51 2.89 1.12
CA LEU A 164 4.84 2.09 0.08
C LEU A 164 3.37 2.01 0.47
N LEU A 165 2.50 2.64 -0.31
CA LEU A 165 1.10 2.71 0.02
C LEU A 165 0.30 1.68 -0.79
N TYR A 166 -0.66 1.05 -0.12
CA TYR A 166 -1.36 -0.10 -0.72
C TYR A 166 -2.75 0.37 -1.09
N GLY A 167 -3.05 0.48 -2.37
CA GLY A 167 -4.31 0.98 -2.78
C GLY A 167 -5.15 -0.20 -3.33
N PHE A 168 -6.36 -0.42 -2.84
CA PHE A 168 -6.96 0.33 -1.76
C PHE A 168 -7.73 -0.64 -0.85
N ILE A 169 -7.89 -0.22 0.39
CA ILE A 169 -8.72 -0.95 1.37
C ILE A 169 -10.08 -0.28 1.34
N PRO A 170 -11.14 -1.03 1.11
CA PRO A 170 -12.50 -0.53 0.97
C PRO A 170 -13.21 -0.47 2.32
N ILE A 171 -14.24 0.40 2.33
CA ILE A 171 -15.13 0.47 3.50
C ILE A 171 -16.43 -0.24 3.16
N CYS A 172 -16.92 -1.17 3.98
CA CYS A 172 -18.10 -1.96 3.67
C CYS A 172 -19.34 -1.08 3.48
N GLY A 173 -20.16 -1.45 2.50
CA GLY A 173 -21.45 -0.75 2.39
C GLY A 173 -22.04 -1.05 1.00
N GLY A 174 -23.35 -1.27 0.98
CA GLY A 174 -23.98 -1.49 -0.34
C GLY A 174 -24.63 -0.22 -0.86
N ASN A 175 -25.91 -0.37 -1.29
CA ASN A 175 -26.55 0.71 -2.05
C ASN A 175 -26.56 2.03 -1.27
N GLY A 176 -26.24 3.10 -1.97
CA GLY A 176 -26.18 4.40 -1.34
C GLY A 176 -24.86 4.68 -0.62
N ILE A 177 -24.04 3.67 -0.38
CA ILE A 177 -22.81 3.85 0.40
C ILE A 177 -21.58 3.68 -0.49
N ASN A 178 -21.57 2.70 -1.40
CA ASN A 178 -20.46 2.57 -2.37
C ASN A 178 -20.95 2.56 -3.80
N ASP A 179 -21.95 3.39 -4.12
CA ASP A 179 -22.46 3.45 -5.51
C ASP A 179 -21.42 3.83 -6.55
N SER A 180 -20.40 4.64 -6.31
CA SER A 180 -19.34 4.88 -7.26
C SER A 180 -18.60 3.63 -7.72
N LEU A 181 -18.63 2.56 -6.96
CA LEU A 181 -17.97 1.32 -7.31
C LEU A 181 -18.72 0.57 -8.41
N LYS A 182 -20.03 0.84 -8.52
CA LYS A 182 -20.86 0.24 -9.56
C LYS A 182 -20.40 0.59 -10.96
N GLU A 183 -19.60 1.60 -11.20
CA GLU A 183 -18.96 1.92 -12.46
C GLU A 183 -17.86 0.98 -12.91
N ILE A 184 -17.30 0.22 -11.98
CA ILE A 184 -16.31 -0.80 -12.32
C ILE A 184 -16.95 -2.19 -12.36
N GLU A 185 -16.81 -2.88 -13.48
CA GLU A 185 -17.52 -4.15 -13.68
C GLU A 185 -17.26 -5.20 -12.63
N GLY A 186 -18.27 -5.73 -11.95
CA GLY A 186 -18.16 -6.75 -10.93
C GLY A 186 -17.62 -6.24 -9.58
N SER A 187 -17.20 -4.98 -9.50
CA SER A 187 -16.51 -4.44 -8.34
C SER A 187 -17.43 -4.24 -7.14
N PHE A 188 -18.60 -3.64 -7.35
CA PHE A 188 -19.53 -3.40 -6.22
C PHE A 188 -19.94 -4.70 -5.60
N GLN A 189 -20.18 -5.69 -6.51
CA GLN A 189 -20.69 -7.01 -6.05
C GLN A 189 -19.54 -7.68 -5.29
N ALA A 190 -18.32 -7.61 -5.84
CA ALA A 190 -17.11 -8.09 -5.18
C ALA A 190 -17.08 -7.67 -3.70
N LEU A 191 -17.23 -6.36 -3.53
CA LEU A 191 -17.24 -5.83 -2.16
C LEU A 191 -18.36 -6.39 -1.32
N GLN A 192 -19.56 -6.57 -1.93
CA GLN A 192 -20.67 -7.05 -1.10
C GLN A 192 -20.40 -8.47 -0.66
N ARG A 193 -19.69 -9.27 -1.48
CA ARG A 193 -19.42 -10.63 -1.02
C ARG A 193 -18.35 -10.61 0.06
N SER A 194 -17.35 -9.75 -0.10
CA SER A 194 -16.32 -9.64 0.96
C SER A 194 -16.91 -9.21 2.28
N CYS A 195 -17.91 -8.31 2.28
CA CYS A 195 -18.51 -7.71 3.44
C CYS A 195 -19.78 -8.42 3.91
N GLN A 196 -20.05 -9.63 3.42
CA GLN A 196 -21.24 -10.36 3.83
C GLN A 196 -21.16 -10.62 5.34
N GLY A 197 -22.25 -10.28 6.00
CA GLY A 197 -22.33 -10.42 7.45
C GLY A 197 -21.54 -9.37 8.22
N ARG A 198 -20.96 -8.37 7.57
CA ARG A 198 -20.08 -7.39 8.20
C ARG A 198 -20.74 -6.02 8.17
N GLU A 199 -20.65 -5.28 9.29
CA GLU A 199 -21.46 -4.05 9.35
C GLU A 199 -21.00 -3.07 8.28
N ASP A 200 -21.86 -2.17 7.80
CA ASP A 200 -21.23 -1.19 6.91
C ASP A 200 -20.47 -0.18 7.77
N PHE A 201 -19.59 0.54 7.11
CA PHE A 201 -18.62 1.48 7.61
C PHE A 201 -17.43 0.82 8.29
N LYS A 202 -17.32 -0.53 8.34
CA LYS A 202 -16.06 -1.17 8.73
C LYS A 202 -15.16 -1.45 7.51
N VAL A 203 -13.87 -1.52 7.65
CA VAL A 203 -12.98 -1.76 6.50
C VAL A 203 -13.04 -3.27 6.22
N SER A 204 -12.68 -3.62 5.00
CA SER A 204 -12.55 -5.04 4.66
C SER A 204 -11.44 -5.15 3.61
N ILE A 205 -11.40 -6.25 2.86
CA ILE A 205 -10.40 -6.38 1.79
C ILE A 205 -11.22 -6.50 0.49
N HIS A 206 -10.91 -5.74 -0.53
CA HIS A 206 -11.78 -5.72 -1.71
C HIS A 206 -11.66 -7.00 -2.52
N ASP A 207 -10.40 -7.41 -2.78
CA ASP A 207 -10.15 -8.64 -3.52
C ASP A 207 -9.28 -9.56 -2.71
N PRO A 208 -9.86 -10.45 -1.92
CA PRO A 208 -9.18 -11.33 -1.00
C PRO A 208 -8.30 -12.34 -1.73
N PHE A 209 -8.70 -12.64 -2.98
CA PHE A 209 -7.85 -13.53 -3.75
C PHE A 209 -6.50 -12.84 -4.04
N ALA A 210 -6.51 -11.68 -4.64
CA ALA A 210 -5.26 -10.94 -4.90
C ALA A 210 -4.52 -10.63 -3.60
N ALA A 211 -5.26 -10.22 -2.56
CA ALA A 211 -4.57 -9.75 -1.34
C ALA A 211 -3.95 -10.88 -0.55
N LEU A 212 -4.57 -12.08 -0.56
CA LEU A 212 -4.13 -13.11 0.38
C LEU A 212 -3.96 -14.52 -0.18
N GLN A 213 -4.56 -14.86 -1.29
CA GLN A 213 -4.51 -16.28 -1.69
C GLN A 213 -3.79 -16.57 -3.01
N LYS A 214 -3.66 -15.62 -3.92
CA LYS A 214 -2.94 -15.92 -5.17
C LYS A 214 -1.51 -16.29 -4.83
N ALA A 215 -1.01 -17.36 -5.45
CA ALA A 215 0.38 -17.80 -5.35
C ALA A 215 1.34 -16.71 -5.83
N GLN A 216 2.41 -16.40 -5.11
CA GLN A 216 3.32 -15.35 -5.54
C GLN A 216 4.71 -15.78 -5.04
N LYS A 217 5.73 -15.20 -5.64
CA LYS A 217 7.10 -15.56 -5.28
C LYS A 217 7.32 -15.49 -3.77
N GLY A 218 7.85 -16.59 -3.23
CA GLY A 218 8.10 -16.73 -1.82
C GLY A 218 6.93 -17.23 -0.97
N VAL A 219 5.71 -17.22 -1.50
CA VAL A 219 4.53 -17.70 -0.78
C VAL A 219 3.70 -18.58 -1.73
N THR A 220 4.32 -19.68 -2.17
CA THR A 220 3.69 -20.57 -3.14
C THR A 220 3.24 -21.88 -2.53
N ALA A 221 3.77 -22.27 -1.39
CA ALA A 221 3.40 -23.57 -0.82
C ALA A 221 1.93 -23.56 -0.48
N TRP A 222 1.22 -24.70 -0.58
CA TRP A 222 -0.20 -24.76 -0.34
C TRP A 222 -0.54 -24.33 1.10
N ASP A 223 0.31 -24.73 2.04
CA ASP A 223 0.09 -24.42 3.43
C ASP A 223 0.88 -23.20 3.93
N ASP A 224 1.38 -22.35 3.05
CA ASP A 224 1.79 -21.01 3.52
C ASP A 224 0.50 -20.23 3.79
N PRO A 225 0.30 -19.77 5.01
CA PRO A 225 -0.97 -19.21 5.42
C PRO A 225 -1.25 -17.89 4.71
N TYR A 226 -0.27 -17.03 4.51
CA TYR A 226 -0.54 -15.72 3.91
C TYR A 226 0.15 -15.68 2.56
N LYS A 227 -0.60 -15.67 1.46
CA LYS A 227 0.03 -15.54 0.13
C LYS A 227 -0.34 -14.20 -0.46
N GLY A 228 -0.48 -14.05 -1.80
CA GLY A 228 -0.96 -12.85 -2.42
C GLY A 228 -0.11 -11.62 -2.04
N ASN A 229 -0.72 -10.45 -2.13
CA ASN A 229 0.06 -9.21 -1.91
C ASN A 229 0.47 -9.11 -0.44
N PHE A 230 -0.40 -9.47 0.48
CA PHE A 230 -0.11 -9.30 1.91
C PHE A 230 1.00 -10.23 2.37
N GLY A 231 0.99 -11.50 1.87
CA GLY A 231 2.09 -12.41 2.23
C GLY A 231 3.42 -11.86 1.70
N GLN A 232 3.44 -11.38 0.47
CA GLN A 232 4.70 -10.82 -0.05
C GLN A 232 5.10 -9.55 0.71
N LEU A 233 4.14 -8.69 1.05
CA LEU A 233 4.45 -7.48 1.80
C LEU A 233 5.05 -7.80 3.16
N MET A 234 4.57 -8.84 3.85
CA MET A 234 5.16 -9.27 5.09
C MET A 234 6.63 -9.67 4.89
N ALA A 235 6.90 -10.40 3.81
CA ALA A 235 8.30 -10.80 3.57
C ALA A 235 9.13 -9.61 3.15
N LEU A 236 8.52 -8.60 2.50
CA LEU A 236 9.21 -7.37 2.14
C LEU A 236 9.60 -6.58 3.38
N LYS A 237 8.73 -6.57 4.38
CA LYS A 237 9.02 -5.97 5.69
C LYS A 237 10.17 -6.71 6.37
N GLN A 238 10.30 -8.02 6.14
CA GLN A 238 11.47 -8.71 6.73
C GLN A 238 12.75 -8.25 6.02
N ALA A 239 12.72 -8.00 4.73
CA ALA A 239 13.86 -7.48 3.99
C ALA A 239 14.12 -6.02 4.28
N HIS A 240 13.06 -5.23 4.49
CA HIS A 240 13.20 -3.78 4.71
C HIS A 240 12.45 -3.32 5.93
N PRO A 241 13.02 -3.49 7.12
CA PRO A 241 12.38 -3.27 8.39
C PRO A 241 11.96 -1.82 8.62
N ASP A 242 12.61 -0.90 7.92
CA ASP A 242 12.25 0.50 8.07
C ASP A 242 11.39 1.03 6.94
N LEU A 243 11.14 0.21 5.91
CA LEU A 243 10.13 0.69 4.91
C LEU A 243 8.81 0.90 5.63
N LYS A 244 8.08 1.99 5.37
CA LYS A 244 6.75 2.13 5.98
C LYS A 244 5.69 1.62 4.99
N ILE A 245 4.91 0.62 5.38
CA ILE A 245 3.94 0.11 4.38
C ILE A 245 2.57 0.52 4.94
N LEU A 246 1.87 1.41 4.23
CA LEU A 246 0.58 1.91 4.74
C LEU A 246 -0.58 1.42 3.87
N PRO A 247 -1.63 1.00 4.52
CA PRO A 247 -2.88 0.67 3.84
C PRO A 247 -3.56 1.98 3.46
N SER A 248 -3.96 2.12 2.19
CA SER A 248 -4.66 3.36 1.81
C SER A 248 -6.15 3.08 1.65
N ILE A 249 -6.95 3.82 2.39
CA ILE A 249 -8.41 3.58 2.42
C ILE A 249 -9.06 4.65 1.54
N GLY A 250 -9.79 4.22 0.52
CA GLY A 250 -10.52 5.16 -0.32
C GLY A 250 -10.03 5.14 -1.76
N GLY A 251 -9.62 6.30 -2.27
CA GLY A 251 -9.36 6.45 -3.70
C GLY A 251 -10.64 6.90 -4.43
N TRP A 252 -10.52 6.97 -5.75
CA TRP A 252 -11.58 7.61 -6.56
C TRP A 252 -12.89 6.87 -6.41
N THR A 253 -12.90 5.54 -6.41
CA THR A 253 -14.12 4.77 -6.44
C THR A 253 -14.57 4.24 -5.08
N LEU A 254 -13.77 4.42 -4.03
CA LEU A 254 -14.12 3.83 -2.74
C LEU A 254 -14.26 4.93 -1.69
N SER A 255 -14.41 6.17 -2.07
CA SER A 255 -14.51 7.28 -1.16
C SER A 255 -15.95 7.59 -0.70
N ASP A 256 -17.00 7.03 -1.32
CA ASP A 256 -18.35 7.42 -0.92
C ASP A 256 -18.61 7.27 0.57
N PRO A 257 -18.20 6.24 1.25
CA PRO A 257 -18.53 6.09 2.67
C PRO A 257 -18.02 7.24 3.50
N PHE A 258 -16.87 7.87 3.19
CA PHE A 258 -16.42 9.00 4.00
C PHE A 258 -17.48 10.10 4.14
N PHE A 259 -18.27 10.38 3.11
CA PHE A 259 -19.35 11.36 3.16
C PHE A 259 -20.41 11.07 4.21
N PHE A 260 -20.51 9.93 4.85
CA PHE A 260 -21.49 9.66 5.90
C PHE A 260 -20.90 9.83 7.29
N MET A 261 -19.61 10.10 7.41
CA MET A 261 -18.90 10.02 8.70
C MET A 261 -19.07 11.26 9.57
N GLY A 262 -19.88 12.21 9.14
CA GLY A 262 -20.38 13.23 10.12
C GLY A 262 -21.25 12.56 11.18
N ASP A 263 -21.91 11.46 10.93
CA ASP A 263 -22.53 10.64 11.98
C ASP A 263 -21.41 9.96 12.78
N LYS A 264 -21.13 10.44 13.99
CA LYS A 264 -20.09 9.84 14.83
C LYS A 264 -20.30 8.36 15.14
N VAL A 265 -21.53 7.83 15.20
CA VAL A 265 -21.72 6.40 15.30
C VAL A 265 -20.94 5.69 14.16
N LYS A 266 -21.10 6.18 12.93
CA LYS A 266 -20.42 5.49 11.80
C LYS A 266 -18.91 5.74 11.88
N ARG A 267 -18.51 6.96 12.24
CA ARG A 267 -17.11 7.36 12.24
C ARG A 267 -16.39 6.53 13.26
N ASP A 268 -17.01 6.36 14.45
CA ASP A 268 -16.38 5.57 15.49
C ASP A 268 -16.30 4.07 15.10
N ARG A 269 -17.32 3.56 14.41
CA ARG A 269 -17.25 2.19 13.93
C ARG A 269 -16.07 2.02 12.95
N PHE A 270 -15.91 2.97 12.05
CA PHE A 270 -14.80 2.95 11.08
C PHE A 270 -13.44 2.97 11.76
N VAL A 271 -13.29 3.94 12.65
CA VAL A 271 -12.03 4.03 13.42
C VAL A 271 -11.77 2.76 14.14
N GLY A 272 -12.71 2.17 14.88
CA GLY A 272 -12.46 0.89 15.52
C GLY A 272 -12.15 -0.23 14.55
N SER A 273 -12.73 -0.22 13.34
CA SER A 273 -12.39 -1.25 12.37
C SER A 273 -10.98 -1.06 11.84
N VAL A 274 -10.48 0.19 11.82
CA VAL A 274 -9.11 0.40 11.35
C VAL A 274 -8.11 -0.15 12.38
N LYS A 275 -8.45 0.05 13.65
CA LYS A 275 -7.60 -0.44 14.72
C LYS A 275 -7.54 -1.96 14.67
N GLU A 276 -8.74 -2.56 14.49
CA GLU A 276 -8.77 -4.03 14.34
C GLU A 276 -7.96 -4.54 13.15
N PHE A 277 -8.09 -3.86 12.01
CA PHE A 277 -7.31 -4.20 10.82
C PHE A 277 -5.81 -4.17 11.08
N LEU A 278 -5.31 -3.11 11.76
CA LEU A 278 -3.90 -3.05 12.08
C LEU A 278 -3.46 -4.05 13.14
N GLN A 279 -4.32 -4.40 14.09
CA GLN A 279 -4.05 -5.52 14.98
C GLN A 279 -4.01 -6.88 14.29
N THR A 280 -4.79 -6.99 13.22
CA THR A 280 -4.81 -8.23 12.45
C THR A 280 -3.63 -8.33 11.49
N TRP A 281 -3.31 -7.24 10.80
CA TRP A 281 -2.31 -7.27 9.73
C TRP A 281 -1.12 -6.43 10.22
N LYS A 282 -0.22 -7.10 10.95
CA LYS A 282 0.80 -6.39 11.72
C LYS A 282 1.92 -5.83 10.87
N PHE A 283 2.04 -6.23 9.59
CA PHE A 283 3.03 -5.61 8.73
C PHE A 283 2.70 -4.15 8.35
N PHE A 284 1.44 -3.71 8.45
CA PHE A 284 1.12 -2.32 8.10
C PHE A 284 1.58 -1.36 9.22
N ASP A 285 2.06 -0.19 8.79
CA ASP A 285 2.63 0.75 9.77
C ASP A 285 1.79 1.97 10.02
N GLY A 286 0.48 1.91 9.75
CA GLY A 286 -0.33 3.11 10.04
C GLY A 286 -1.53 3.09 9.09
N VAL A 287 -1.97 4.26 8.72
CA VAL A 287 -3.09 4.32 7.78
C VAL A 287 -3.00 5.57 6.95
N ASP A 288 -3.36 5.44 5.67
CA ASP A 288 -3.43 6.54 4.73
C ASP A 288 -4.90 6.72 4.32
N ILE A 289 -5.43 7.93 4.50
CA ILE A 289 -6.82 8.24 4.19
C ILE A 289 -6.88 8.99 2.87
N ASP A 290 -7.53 8.39 1.86
CA ASP A 290 -7.53 9.00 0.53
C ASP A 290 -9.01 9.30 0.20
N TRP A 291 -9.52 10.32 0.87
CA TRP A 291 -10.94 10.69 0.70
C TRP A 291 -11.01 11.69 -0.44
N GLN A 292 -11.57 11.28 -1.58
CA GLN A 292 -11.60 12.14 -2.71
C GLN A 292 -13.07 12.46 -2.98
N PHE A 293 -13.63 13.61 -2.59
CA PHE A 293 -12.90 14.62 -1.85
C PHE A 293 -13.93 15.31 -0.90
N PRO A 294 -13.49 15.78 0.23
CA PRO A 294 -14.32 16.55 1.15
C PRO A 294 -15.00 17.67 0.38
N GLY A 295 -16.33 17.77 0.39
CA GLY A 295 -17.00 18.84 -0.35
C GLY A 295 -17.58 18.32 -1.66
N GLY A 296 -17.19 17.10 -2.04
CA GLY A 296 -17.74 16.47 -3.24
C GLY A 296 -16.87 16.79 -4.45
N LYS A 297 -17.44 16.61 -5.64
CA LYS A 297 -16.73 16.73 -6.91
C LYS A 297 -15.81 15.52 -7.13
N GLY A 298 -16.05 14.40 -6.44
CA GLY A 298 -15.31 13.17 -6.71
C GLY A 298 -16.18 12.32 -7.64
N ALA A 299 -16.15 11.02 -7.56
CA ALA A 299 -16.86 10.19 -8.52
C ALA A 299 -18.38 10.31 -8.42
N ASN A 300 -18.90 10.52 -7.21
CA ASN A 300 -20.36 10.52 -7.01
C ASN A 300 -20.83 11.96 -7.02
N PRO A 301 -21.66 12.30 -8.00
CA PRO A 301 -22.26 13.61 -8.17
C PRO A 301 -23.29 13.98 -7.12
N ASN A 302 -23.80 13.03 -6.35
CA ASN A 302 -24.84 13.27 -5.35
C ASN A 302 -24.30 13.45 -3.96
N LEU A 303 -22.98 13.30 -3.75
CA LEU A 303 -22.39 13.47 -2.44
C LEU A 303 -21.49 14.67 -2.32
N GLY A 304 -21.35 15.13 -1.08
CA GLY A 304 -20.52 16.29 -0.79
C GLY A 304 -21.40 17.30 -0.01
N SER A 305 -20.81 17.77 1.06
CA SER A 305 -21.53 18.60 2.01
C SER A 305 -20.55 19.60 2.58
N PRO A 306 -21.07 20.75 3.00
CA PRO A 306 -20.35 21.80 3.67
C PRO A 306 -19.75 21.36 5.01
N GLN A 307 -20.32 20.31 5.58
CA GLN A 307 -19.85 19.62 6.76
C GLN A 307 -18.54 18.85 6.62
N ASP A 308 -18.15 18.57 5.37
CA ASP A 308 -17.09 17.56 5.17
C ASP A 308 -15.74 17.92 5.74
N GLY A 309 -15.34 19.19 5.70
CA GLY A 309 -14.10 19.64 6.28
C GLY A 309 -13.95 19.36 7.76
N GLU A 310 -15.01 19.66 8.53
CA GLU A 310 -15.02 19.38 9.97
C GLU A 310 -14.89 17.86 10.22
N THR A 311 -15.62 17.06 9.44
CA THR A 311 -15.62 15.61 9.55
C THR A 311 -14.22 15.06 9.31
N TYR A 312 -13.56 15.54 8.25
CA TYR A 312 -12.16 15.24 7.91
C TYR A 312 -11.26 15.58 9.09
N VAL A 313 -11.36 16.79 9.66
CA VAL A 313 -10.56 17.10 10.83
C VAL A 313 -10.87 16.20 12.00
N LEU A 314 -12.13 15.94 12.30
CA LEU A 314 -12.41 15.05 13.45
C LEU A 314 -11.90 13.64 13.19
N LEU A 315 -12.09 13.15 11.96
CA LEU A 315 -11.67 11.80 11.58
C LEU A 315 -10.19 11.58 11.84
N MET A 316 -9.36 12.52 11.33
CA MET A 316 -7.93 12.53 11.56
C MET A 316 -7.55 12.59 13.06
N LYS A 317 -8.15 13.52 13.82
CA LYS A 317 -7.82 13.50 15.26
C LYS A 317 -8.17 12.17 15.91
N GLU A 318 -9.33 11.58 15.60
CA GLU A 318 -9.69 10.31 16.21
C GLU A 318 -8.83 9.16 15.70
N LEU A 319 -8.43 9.20 14.42
CA LEU A 319 -7.47 8.23 13.89
C LEU A 319 -6.16 8.30 14.66
N ARG A 320 -5.68 9.53 14.84
CA ARG A 320 -4.40 9.72 15.54
C ARG A 320 -4.51 9.25 16.99
N ALA A 321 -5.63 9.54 17.67
CA ALA A 321 -5.79 9.04 19.03
C ALA A 321 -5.75 7.53 19.13
N MET A 322 -6.48 6.87 18.22
CA MET A 322 -6.46 5.42 18.11
C MET A 322 -5.03 4.93 17.82
N LEU A 323 -4.33 5.59 16.90
CA LEU A 323 -2.99 5.08 16.56
C LEU A 323 -1.99 5.36 17.69
N ASP A 324 -2.19 6.50 18.38
CA ASP A 324 -1.30 6.76 19.55
C ASP A 324 -1.47 5.69 20.58
N GLN A 325 -2.71 5.26 20.81
CA GLN A 325 -2.99 4.18 21.75
C GLN A 325 -2.39 2.85 21.28
N LEU A 326 -2.53 2.54 19.99
CA LEU A 326 -1.97 1.29 19.45
C LEU A 326 -0.43 1.37 19.53
N SER A 327 0.14 2.54 19.32
CA SER A 327 1.59 2.74 19.38
C SER A 327 2.10 2.39 20.80
N VAL A 328 1.43 2.84 21.85
CA VAL A 328 1.95 2.58 23.22
C VAL A 328 1.69 1.16 23.66
N GLU A 329 0.68 0.50 23.04
CA GLU A 329 0.41 -0.89 23.34
C GLU A 329 1.52 -1.76 22.76
N THR A 330 2.01 -1.36 21.57
CA THR A 330 2.95 -2.19 20.84
C THR A 330 4.40 -1.74 20.94
N GLY A 331 4.70 -0.52 21.40
CA GLY A 331 6.05 0.02 21.29
C GLY A 331 6.43 0.47 19.90
N ARG A 332 5.50 0.47 18.94
CA ARG A 332 5.78 0.79 17.55
C ARG A 332 5.39 2.20 17.24
N LYS A 333 6.00 2.80 16.22
CA LYS A 333 5.54 4.08 15.74
C LYS A 333 4.56 3.81 14.58
N TYR A 334 3.43 4.48 14.65
CA TYR A 334 2.45 4.37 13.58
C TYR A 334 2.23 5.72 12.91
N GLU A 335 1.99 5.69 11.60
CA GLU A 335 1.87 6.94 10.89
C GLU A 335 0.45 7.16 10.40
N LEU A 336 0.06 8.43 10.43
CA LEU A 336 -1.21 8.81 9.81
C LEU A 336 -0.96 9.79 8.67
N THR A 337 -1.40 9.38 7.47
CA THR A 337 -1.27 10.22 6.30
C THR A 337 -2.58 10.35 5.53
N SER A 338 -2.50 11.25 4.54
CA SER A 338 -3.67 11.39 3.66
C SER A 338 -3.21 11.87 2.31
N ALA A 339 -3.83 11.40 1.23
CA ALA A 339 -3.58 11.94 -0.10
C ALA A 339 -4.74 12.89 -0.41
N ILE A 340 -4.40 14.11 -0.83
CA ILE A 340 -5.41 15.16 -0.94
C ILE A 340 -5.36 15.84 -2.32
N SER A 341 -6.50 16.39 -2.77
CA SER A 341 -6.46 17.14 -4.02
C SER A 341 -5.48 18.32 -3.90
N ALA A 342 -4.82 18.63 -5.03
CA ALA A 342 -3.94 19.77 -5.08
C ALA A 342 -4.64 21.01 -5.66
N GLY A 343 -5.92 20.90 -6.00
CA GLY A 343 -6.63 22.07 -6.58
C GLY A 343 -7.02 23.02 -5.46
N LYS A 344 -6.85 24.34 -5.64
CA LYS A 344 -7.11 25.23 -4.50
C LYS A 344 -8.57 25.28 -4.07
N ASP A 345 -9.49 25.06 -4.99
CA ASP A 345 -10.92 25.00 -4.72
C ASP A 345 -11.26 23.85 -3.78
N LYS A 346 -10.53 22.74 -3.88
CA LYS A 346 -10.76 21.65 -2.93
C LYS A 346 -9.99 21.84 -1.65
N ILE A 347 -8.77 22.34 -1.64
CA ILE A 347 -7.92 22.48 -0.46
C ILE A 347 -8.62 23.31 0.63
N ASP A 348 -9.19 24.43 0.13
CA ASP A 348 -9.80 25.38 1.07
C ASP A 348 -11.17 24.93 1.56
N LYS A 349 -11.62 23.72 1.28
CA LYS A 349 -12.76 23.14 1.97
C LYS A 349 -12.36 22.44 3.26
N VAL A 350 -11.08 22.30 3.52
CA VAL A 350 -10.52 21.65 4.69
C VAL A 350 -9.57 22.61 5.41
N ALA A 351 -9.64 22.60 6.75
CA ALA A 351 -8.61 23.27 7.53
C ALA A 351 -7.40 22.38 7.78
N TYR A 352 -6.50 22.29 6.79
CA TYR A 352 -5.31 21.46 6.93
C TYR A 352 -4.33 21.99 7.95
N ASN A 353 -4.35 23.31 8.22
CA ASN A 353 -3.49 23.82 9.29
C ASN A 353 -3.85 23.29 10.66
N VAL A 354 -5.08 22.86 10.89
CA VAL A 354 -5.47 22.11 12.08
C VAL A 354 -5.24 20.61 11.93
N ALA A 355 -5.71 20.04 10.82
CA ALA A 355 -5.55 18.58 10.62
C ALA A 355 -4.10 18.15 10.61
N GLN A 356 -3.13 18.97 10.18
CA GLN A 356 -1.73 18.59 10.16
C GLN A 356 -1.17 18.17 11.50
N ASN A 357 -1.73 18.68 12.61
CA ASN A 357 -1.23 18.29 13.91
C ASN A 357 -1.55 16.82 14.20
N SER A 358 -2.48 16.20 13.48
CA SER A 358 -2.73 14.78 13.64
C SER A 358 -1.93 13.92 12.65
N MET A 359 -1.28 14.52 11.65
CA MET A 359 -0.81 13.75 10.50
C MET A 359 0.71 13.77 10.40
N ASP A 360 1.27 12.67 9.92
CA ASP A 360 2.71 12.63 9.70
C ASP A 360 3.03 13.28 8.37
N HIS A 361 2.22 12.99 7.34
CA HIS A 361 2.49 13.43 6.00
C HIS A 361 1.17 13.70 5.26
N ILE A 362 1.26 14.68 4.38
CA ILE A 362 0.20 15.04 3.45
C ILE A 362 0.74 14.76 2.03
N PHE A 363 0.14 13.77 1.38
CA PHE A 363 0.51 13.42 0.01
C PHE A 363 -0.30 14.31 -0.93
N LEU A 364 0.37 15.36 -1.42
CA LEU A 364 -0.35 16.33 -2.25
C LEU A 364 -0.45 15.78 -3.66
N MET A 365 -1.66 15.52 -4.14
CA MET A 365 -1.84 14.90 -5.43
C MET A 365 -1.71 15.97 -6.51
N SER A 366 -0.46 16.38 -6.75
CA SER A 366 -0.18 17.39 -7.78
C SER A 366 -0.05 16.73 -9.14
N TYR A 367 -1.15 16.13 -9.58
CA TYR A 367 -1.30 15.51 -10.87
C TYR A 367 -2.79 15.54 -11.22
N ASP A 368 -3.15 15.07 -12.41
CA ASP A 368 -4.52 15.13 -12.92
C ASP A 368 -5.06 16.56 -12.95
N PHE A 369 -4.21 17.53 -13.27
CA PHE A 369 -4.65 18.91 -13.37
C PHE A 369 -5.54 19.06 -14.59
N TYR A 370 -5.24 18.33 -15.63
CA TYR A 370 -5.89 18.34 -16.91
C TYR A 370 -6.01 16.92 -17.42
N GLY A 371 -6.58 16.65 -18.57
CA GLY A 371 -6.76 15.28 -19.01
C GLY A 371 -8.01 15.08 -19.85
N ALA A 372 -8.32 13.87 -20.27
CA ALA A 372 -9.39 13.65 -21.24
C ALA A 372 -10.79 13.76 -20.63
N PHE A 373 -10.85 14.05 -19.33
CA PHE A 373 -12.13 14.41 -18.72
C PHE A 373 -12.58 15.81 -19.14
N ASP A 374 -11.71 16.64 -19.71
CA ASP A 374 -12.11 17.90 -20.34
C ASP A 374 -11.49 17.99 -21.73
N LEU A 375 -12.31 18.07 -22.76
CA LEU A 375 -11.80 18.06 -24.13
C LEU A 375 -11.56 19.45 -24.67
N LYS A 376 -11.97 20.47 -23.92
CA LYS A 376 -11.92 21.85 -24.36
C LYS A 376 -10.69 22.57 -23.83
N ASN A 377 -10.34 22.35 -22.57
CA ASN A 377 -9.35 23.21 -21.90
C ASN A 377 -8.09 22.37 -21.61
N LEU A 378 -7.13 22.37 -22.54
CA LEU A 378 -5.99 21.45 -22.38
C LEU A 378 -4.86 22.14 -21.64
N GLY A 379 -3.99 21.26 -21.03
CA GLY A 379 -2.96 21.77 -20.16
C GLY A 379 -2.04 20.64 -19.65
N HIS A 380 -0.96 21.04 -19.02
CA HIS A 380 -0.06 20.05 -18.42
C HIS A 380 -0.72 19.39 -17.20
N GLN A 381 -0.75 18.09 -17.11
CA GLN A 381 -1.50 17.45 -15.99
C GLN A 381 -0.73 17.47 -14.69
N THR A 382 0.59 17.72 -14.68
CA THR A 382 1.34 17.55 -13.40
C THR A 382 2.46 18.55 -13.29
N ALA A 383 2.32 19.69 -14.01
CA ALA A 383 3.40 20.68 -14.07
C ALA A 383 3.70 21.33 -12.75
N LEU A 384 4.97 21.72 -12.56
CA LEU A 384 5.31 22.51 -11.40
C LEU A 384 4.66 23.90 -11.51
N ASN A 385 4.75 24.49 -12.71
CA ASN A 385 4.41 25.91 -12.84
C ASN A 385 3.41 26.12 -13.98
N ALA A 386 2.86 27.34 -14.14
CA ALA A 386 2.06 27.64 -15.32
C ALA A 386 2.98 27.78 -16.54
N PRO A 387 2.46 27.46 -17.69
CA PRO A 387 3.14 27.59 -18.96
C PRO A 387 3.18 29.06 -19.40
N ALA A 388 4.07 29.39 -20.34
CA ALA A 388 4.18 30.77 -20.79
C ALA A 388 2.92 31.26 -21.50
N TRP A 389 2.18 30.41 -22.18
CA TRP A 389 0.98 30.79 -22.90
C TRP A 389 -0.24 30.94 -21.99
N LYS A 390 -0.14 30.61 -20.72
CA LYS A 390 -1.22 30.89 -19.77
C LYS A 390 -0.67 30.93 -18.35
N PRO A 391 -0.09 32.07 -18.00
CA PRO A 391 0.53 32.32 -16.71
C PRO A 391 -0.46 32.44 -15.55
N ASP A 392 -1.74 32.41 -15.86
CA ASP A 392 -2.81 32.41 -14.87
C ASP A 392 -3.41 31.03 -14.64
N THR A 393 -2.89 29.99 -15.29
CA THR A 393 -3.37 28.62 -15.07
C THR A 393 -3.60 28.35 -13.58
N ALA A 394 -4.78 27.84 -13.23
CA ALA A 394 -5.11 27.60 -11.83
C ALA A 394 -4.41 26.38 -11.24
N TYR A 395 -4.43 25.28 -12.01
CA TYR A 395 -3.97 24.01 -11.43
C TYR A 395 -2.52 23.74 -11.78
N THR A 396 -1.66 24.12 -10.86
CA THR A 396 -0.23 23.78 -10.92
C THR A 396 0.21 23.26 -9.56
N THR A 397 1.37 22.60 -9.50
CA THR A 397 1.90 22.09 -8.24
C THR A 397 2.14 23.22 -7.25
N VAL A 398 2.87 24.26 -7.70
CA VAL A 398 3.14 25.43 -6.86
C VAL A 398 1.87 26.02 -6.24
N ASN A 399 0.81 26.21 -7.01
CA ASN A 399 -0.43 26.74 -6.43
C ASN A 399 -1.05 25.85 -5.34
N GLY A 400 -0.97 24.54 -5.48
CA GLY A 400 -1.51 23.66 -4.41
C GLY A 400 -0.58 23.74 -3.20
N VAL A 401 0.74 23.69 -3.34
CA VAL A 401 1.62 23.92 -2.21
C VAL A 401 1.31 25.27 -1.55
N ASN A 402 1.23 26.33 -2.35
CA ASN A 402 0.98 27.65 -1.79
C ASN A 402 -0.39 27.75 -1.11
N ALA A 403 -1.42 27.14 -1.64
CA ALA A 403 -2.71 27.12 -0.93
C ALA A 403 -2.54 26.50 0.44
N LEU A 404 -1.83 25.37 0.57
CA LEU A 404 -1.59 24.77 1.87
C LEU A 404 -0.76 25.68 2.77
N LEU A 405 0.36 26.20 2.26
CA LEU A 405 1.20 27.08 3.06
C LEU A 405 0.40 28.30 3.51
N ALA A 406 -0.49 28.83 2.68
CA ALA A 406 -1.28 30.00 3.08
C ALA A 406 -2.24 29.68 4.22
N GLN A 407 -2.76 28.43 4.30
CA GLN A 407 -3.56 28.05 5.45
C GLN A 407 -2.77 28.06 6.74
N GLY A 408 -1.45 27.83 6.70
CA GLY A 408 -0.64 27.65 7.87
C GLY A 408 -0.02 26.26 7.97
N VAL A 409 -0.14 25.46 6.90
CA VAL A 409 0.48 24.13 6.92
C VAL A 409 2.00 24.26 6.94
N LYS A 410 2.66 23.48 7.79
CA LYS A 410 4.12 23.51 7.82
C LYS A 410 4.65 22.81 6.57
N PRO A 411 5.66 23.37 5.96
CA PRO A 411 6.17 22.93 4.66
C PRO A 411 6.67 21.50 4.74
N GLY A 412 7.32 21.12 5.84
CA GLY A 412 7.82 19.78 6.05
C GLY A 412 6.78 18.65 6.06
N LYS A 413 5.50 18.98 6.16
CA LYS A 413 4.43 18.01 6.11
C LYS A 413 4.10 17.63 4.66
N ILE A 414 4.46 18.51 3.74
CA ILE A 414 3.86 18.44 2.38
C ILE A 414 4.75 17.57 1.50
N VAL A 415 4.19 16.47 1.02
CA VAL A 415 4.88 15.60 0.07
C VAL A 415 4.32 15.81 -1.33
N VAL A 416 5.24 16.20 -2.26
CA VAL A 416 4.78 16.58 -3.60
C VAL A 416 4.60 15.35 -4.48
N GLY A 417 3.55 15.35 -5.31
CA GLY A 417 3.19 14.26 -6.16
C GLY A 417 3.81 14.29 -7.55
N THR A 418 4.28 13.13 -8.01
CA THR A 418 4.75 12.90 -9.36
C THR A 418 3.92 11.81 -10.02
N ALA A 419 3.68 11.87 -11.31
CA ALA A 419 2.84 10.95 -12.03
C ALA A 419 3.76 9.95 -12.73
N MET A 420 3.52 8.65 -12.53
CA MET A 420 4.19 7.68 -13.40
C MET A 420 3.28 7.36 -14.59
N TYR A 421 2.38 8.20 -14.98
CA TYR A 421 1.54 7.97 -16.15
C TYR A 421 1.32 9.31 -16.84
N GLY A 422 0.92 9.22 -18.11
CA GLY A 422 0.52 10.48 -18.77
C GLY A 422 -1.02 10.41 -18.95
N ARG A 423 -1.59 11.59 -19.11
CA ARG A 423 -2.97 11.68 -19.61
C ARG A 423 -2.90 12.20 -21.03
N GLY A 424 -3.90 11.87 -21.86
CA GLY A 424 -3.85 12.52 -23.18
C GLY A 424 -5.17 12.44 -23.93
N TRP A 425 -5.13 13.10 -25.07
CA TRP A 425 -6.27 13.35 -25.94
C TRP A 425 -5.93 12.86 -27.35
N THR A 426 -6.98 12.63 -28.14
CA THR A 426 -6.74 12.39 -29.57
C THR A 426 -7.51 13.46 -30.32
N GLY A 427 -7.11 13.65 -31.59
CA GLY A 427 -7.75 14.63 -32.46
C GLY A 427 -7.53 16.07 -32.09
N VAL A 428 -6.43 16.43 -31.41
CA VAL A 428 -6.19 17.80 -31.01
C VAL A 428 -6.03 18.67 -32.28
N ASN A 429 -6.62 19.86 -32.25
CA ASN A 429 -6.84 20.64 -33.48
C ASN A 429 -7.10 22.08 -33.12
N GLY A 430 -6.88 22.98 -34.07
CA GLY A 430 -7.19 24.39 -33.83
C GLY A 430 -6.29 25.05 -32.80
N TYR A 431 -5.00 24.72 -32.78
CA TYR A 431 -4.05 25.32 -31.86
C TYR A 431 -3.14 26.32 -32.57
N GLN A 432 -2.67 27.34 -31.86
CA GLN A 432 -1.81 28.37 -32.44
C GLN A 432 -0.33 28.09 -32.13
N ASN A 433 0.54 28.69 -32.94
CA ASN A 433 1.95 28.88 -32.60
C ASN A 433 2.74 27.64 -32.22
N ASN A 434 2.38 26.53 -32.83
CA ASN A 434 2.80 25.19 -32.54
C ASN A 434 2.62 24.75 -31.08
N ILE A 435 1.64 25.32 -30.36
CA ILE A 435 1.45 24.79 -28.98
C ILE A 435 0.11 24.06 -28.97
N PRO A 436 0.11 22.76 -28.97
CA PRO A 436 -1.07 21.92 -29.10
C PRO A 436 -2.05 22.15 -27.97
N PHE A 437 -1.63 22.56 -26.78
CA PHE A 437 -2.42 22.87 -25.62
C PHE A 437 -3.30 24.12 -25.76
N THR A 438 -3.07 24.91 -26.80
CA THR A 438 -4.01 25.98 -27.15
C THR A 438 -5.15 25.48 -28.01
N GLY A 439 -5.23 24.24 -28.43
CA GLY A 439 -6.32 23.69 -29.21
C GLY A 439 -7.46 23.10 -28.39
N THR A 440 -8.30 22.29 -29.01
CA THR A 440 -9.28 21.44 -28.37
C THR A 440 -9.17 20.03 -28.93
N ALA A 441 -9.66 19.00 -28.26
CA ALA A 441 -9.50 17.61 -28.63
C ALA A 441 -10.82 16.96 -29.04
N THR A 442 -10.82 15.81 -29.68
CA THR A 442 -12.06 15.10 -29.98
C THR A 442 -12.32 13.92 -29.06
N GLY A 443 -11.40 13.58 -28.16
CA GLY A 443 -11.59 12.39 -27.32
C GLY A 443 -10.24 12.08 -26.66
N PRO A 444 -10.24 11.00 -25.94
CA PRO A 444 -9.08 10.59 -25.15
C PRO A 444 -8.10 9.84 -26.01
N VAL A 445 -6.81 9.90 -25.64
CA VAL A 445 -5.83 9.02 -26.29
C VAL A 445 -6.08 7.55 -25.93
N LYS A 446 -5.64 6.68 -26.81
CA LYS A 446 -5.62 5.24 -26.57
C LYS A 446 -4.72 4.89 -25.39
N GLY A 447 -5.29 4.38 -24.31
CA GLY A 447 -4.50 4.10 -23.13
C GLY A 447 -3.88 2.71 -23.10
N THR A 448 -2.98 2.52 -22.12
CA THR A 448 -2.39 1.20 -21.92
C THR A 448 -3.46 0.24 -21.39
N TRP A 449 -4.18 0.69 -20.37
CA TRP A 449 -5.20 -0.10 -19.68
C TRP A 449 -6.58 0.52 -19.78
N GLU A 450 -6.62 1.86 -19.71
CA GLU A 450 -7.89 2.56 -19.86
C GLU A 450 -7.72 3.82 -20.68
N ASN A 451 -8.82 4.29 -21.28
CA ASN A 451 -8.82 5.44 -22.18
C ASN A 451 -8.27 6.69 -21.50
N GLY A 452 -7.44 7.47 -22.22
CA GLY A 452 -7.04 8.77 -21.75
C GLY A 452 -5.80 8.70 -20.84
N ILE A 453 -5.31 7.51 -20.55
CA ILE A 453 -4.24 7.33 -19.56
C ILE A 453 -3.21 6.37 -20.13
N VAL A 454 -1.91 6.68 -20.00
CA VAL A 454 -0.85 5.87 -20.58
C VAL A 454 0.27 5.62 -19.56
N ASP A 455 0.69 4.39 -19.29
CA ASP A 455 1.80 4.18 -18.38
C ASP A 455 3.04 4.94 -18.91
N TYR A 456 3.84 5.43 -17.98
CA TYR A 456 5.10 6.08 -18.40
C TYR A 456 5.97 5.09 -19.16
N ARG A 457 6.02 3.84 -18.70
CA ARG A 457 6.76 2.80 -19.43
C ARG A 457 6.46 2.78 -20.93
N GLN A 458 5.19 2.85 -21.29
CA GLN A 458 4.77 2.94 -22.69
C GLN A 458 5.04 4.27 -23.35
N ILE A 459 4.97 5.38 -22.61
CA ILE A 459 5.40 6.64 -23.22
C ILE A 459 6.85 6.52 -23.67
N ALA A 460 7.70 6.04 -22.73
CA ALA A 460 9.12 5.96 -23.07
C ALA A 460 9.37 4.91 -24.15
N GLY A 461 8.63 3.81 -24.08
CA GLY A 461 8.87 2.67 -24.95
C GLY A 461 8.34 2.85 -26.35
N GLN A 462 7.26 3.58 -26.52
CA GLN A 462 6.59 3.64 -27.81
C GLN A 462 6.40 5.06 -28.33
N PHE A 463 6.35 6.07 -27.47
CA PHE A 463 5.89 7.37 -27.95
C PHE A 463 6.98 8.42 -27.92
N MET A 464 8.21 7.95 -27.89
CA MET A 464 9.40 8.79 -28.00
C MET A 464 10.20 8.32 -29.21
N SER A 465 9.46 7.97 -30.27
CA SER A 465 10.06 7.63 -31.55
C SER A 465 9.05 7.86 -32.67
N GLY A 466 9.53 7.72 -33.91
CA GLY A 466 8.63 7.84 -35.06
C GLY A 466 8.16 9.27 -35.24
N GLU A 467 6.83 9.45 -35.37
CA GLU A 467 6.29 10.76 -35.73
C GLU A 467 6.13 11.65 -34.51
N TRP A 468 6.31 11.08 -33.31
CA TRP A 468 6.04 11.85 -32.10
C TRP A 468 7.02 12.97 -31.85
N GLN A 469 6.54 14.17 -31.66
CA GLN A 469 7.34 15.32 -31.26
C GLN A 469 7.55 15.17 -29.74
N TYR A 470 8.71 15.52 -29.24
CA TYR A 470 8.95 15.61 -27.80
C TYR A 470 9.33 17.04 -27.48
N THR A 471 8.69 17.65 -26.50
CA THR A 471 9.06 18.99 -26.06
C THR A 471 9.17 19.06 -24.54
N TYR A 472 10.20 19.65 -24.01
CA TYR A 472 10.26 19.94 -22.59
C TYR A 472 9.92 21.41 -22.40
N ASP A 473 8.77 21.67 -21.79
CA ASP A 473 8.43 23.07 -21.45
C ASP A 473 9.18 23.45 -20.19
N ALA A 474 10.19 24.32 -20.31
CA ALA A 474 11.01 24.65 -19.16
C ALA A 474 10.36 25.72 -18.30
N THR A 475 9.31 26.40 -18.76
CA THR A 475 8.60 27.35 -17.90
C THR A 475 7.73 26.57 -16.90
N ALA A 476 6.89 25.71 -17.45
CA ALA A 476 6.00 24.85 -16.65
C ALA A 476 6.77 23.78 -15.89
N GLU A 477 7.89 23.33 -16.47
CA GLU A 477 8.65 22.17 -16.02
C GLU A 477 7.83 20.91 -16.26
N ALA A 478 7.68 20.58 -17.54
CA ALA A 478 6.75 19.57 -17.97
C ALA A 478 6.98 19.13 -19.40
N PRO A 479 7.10 17.84 -19.63
CA PRO A 479 7.32 17.27 -20.95
C PRO A 479 5.99 16.96 -21.63
N TYR A 480 5.97 16.94 -22.95
CA TYR A 480 4.78 16.42 -23.64
C TYR A 480 5.13 15.87 -25.01
N VAL A 481 4.39 14.88 -25.50
CA VAL A 481 4.71 14.31 -26.81
C VAL A 481 3.45 14.51 -27.67
N PHE A 482 3.68 14.79 -28.94
CA PHE A 482 2.51 15.17 -29.77
C PHE A 482 2.68 14.49 -31.12
N LYS A 483 1.63 13.82 -31.58
CA LYS A 483 1.64 13.24 -32.92
C LYS A 483 0.69 14.06 -33.81
N PRO A 484 1.27 14.92 -34.64
CA PRO A 484 0.57 15.90 -35.43
C PRO A 484 -0.44 15.32 -36.42
N SER A 485 -0.27 14.10 -36.91
CA SER A 485 -1.13 13.52 -37.92
C SER A 485 -2.42 12.90 -37.36
N THR A 486 -2.36 12.45 -36.11
CA THR A 486 -3.60 12.00 -35.47
C THR A 486 -4.14 13.04 -34.50
N GLY A 487 -3.26 13.91 -34.05
CA GLY A 487 -3.48 14.96 -33.07
C GLY A 487 -3.46 14.29 -31.67
N ASP A 488 -2.69 13.23 -31.51
CA ASP A 488 -2.57 12.62 -30.17
C ASP A 488 -1.61 13.46 -29.33
N LEU A 489 -2.03 13.90 -28.15
CA LEU A 489 -1.25 14.71 -27.25
C LEU A 489 -1.15 14.11 -25.84
N ILE A 490 0.06 13.90 -25.30
CA ILE A 490 0.14 13.19 -24.00
C ILE A 490 0.97 14.03 -23.05
N THR A 491 0.45 14.32 -21.87
CA THR A 491 1.13 15.14 -20.87
C THR A 491 1.52 14.24 -19.70
N PHE A 492 2.77 14.36 -19.24
CA PHE A 492 3.32 13.32 -18.31
C PHE A 492 4.41 13.93 -17.46
N ASP A 493 4.97 13.24 -16.47
CA ASP A 493 6.23 13.61 -15.88
C ASP A 493 7.40 12.82 -16.50
N ASP A 494 8.59 13.41 -16.59
CA ASP A 494 9.75 12.60 -17.02
C ASP A 494 10.89 12.83 -16.06
N ALA A 495 12.08 12.29 -16.31
CA ALA A 495 13.15 12.44 -15.31
C ALA A 495 13.45 13.90 -15.04
N ARG A 496 13.44 14.78 -16.03
CA ARG A 496 13.72 16.19 -15.81
C ARG A 496 12.64 16.93 -15.03
N SER A 497 11.36 16.65 -15.30
CA SER A 497 10.35 17.39 -14.54
C SER A 497 10.33 16.92 -13.07
N VAL A 498 10.59 15.64 -12.88
CA VAL A 498 10.70 15.11 -11.51
C VAL A 498 11.88 15.76 -10.81
N GLN A 499 13.01 15.87 -11.52
CA GLN A 499 14.14 16.59 -10.91
C GLN A 499 13.78 18.01 -10.54
N ALA A 500 13.08 18.76 -11.40
CA ALA A 500 12.54 20.06 -10.99
C ALA A 500 11.67 19.96 -9.74
N LYS A 501 10.79 19.00 -9.59
CA LYS A 501 9.96 18.91 -8.37
C LYS A 501 10.78 18.64 -7.13
N GLY A 502 11.80 17.78 -7.28
CA GLY A 502 12.73 17.44 -6.22
C GLY A 502 13.58 18.62 -5.78
N LYS A 503 14.20 19.36 -6.67
CA LYS A 503 14.91 20.58 -6.27
C LYS A 503 13.98 21.57 -5.58
N TYR A 504 12.76 21.71 -6.05
CA TYR A 504 11.75 22.58 -5.48
C TYR A 504 11.42 22.14 -4.05
N VAL A 505 11.27 20.81 -3.88
CA VAL A 505 11.07 20.33 -2.51
C VAL A 505 12.22 20.74 -1.60
N LEU A 506 13.45 20.49 -2.06
CA LEU A 506 14.61 20.83 -1.22
C LEU A 506 14.66 22.35 -1.00
N ASP A 507 14.46 23.13 -2.05
CA ASP A 507 14.47 24.58 -1.95
C ASP A 507 13.46 25.14 -0.96
N LYS A 508 12.23 24.63 -0.99
CA LYS A 508 11.17 25.08 -0.11
C LYS A 508 11.02 24.29 1.18
N GLN A 509 11.92 23.35 1.46
CA GLN A 509 11.93 22.58 2.68
C GLN A 509 10.66 21.74 2.87
N LEU A 510 10.18 21.18 1.76
CA LEU A 510 8.98 20.33 1.80
C LEU A 510 9.39 18.94 2.25
N GLY A 511 8.42 18.02 2.34
CA GLY A 511 8.68 16.74 2.98
C GLY A 511 9.28 15.67 2.06
N GLY A 512 9.07 15.74 0.75
CA GLY A 512 9.66 14.75 -0.15
C GLY A 512 8.81 14.62 -1.40
N LEU A 513 8.80 13.47 -2.05
CA LEU A 513 8.03 13.20 -3.26
C LEU A 513 7.28 11.86 -3.14
N PHE A 514 6.09 11.77 -3.73
CA PHE A 514 5.49 10.43 -3.87
C PHE A 514 4.95 10.31 -5.28
N SER A 515 4.56 9.12 -5.71
CA SER A 515 4.13 8.87 -7.07
C SER A 515 2.92 7.93 -7.15
N TRP A 516 2.14 8.07 -8.21
CA TRP A 516 1.08 7.12 -8.56
C TRP A 516 1.42 6.67 -9.97
N GLU A 517 1.52 5.41 -10.30
CA GLU A 517 1.44 4.25 -9.47
C GLU A 517 2.68 3.39 -9.82
N ILE A 518 3.25 2.70 -8.88
CA ILE A 518 4.57 2.07 -9.03
C ILE A 518 4.67 1.12 -10.21
N ASP A 519 3.65 0.35 -10.55
CA ASP A 519 3.74 -0.54 -11.71
C ASP A 519 3.98 0.16 -13.04
N ALA A 520 3.66 1.41 -13.25
CA ALA A 520 3.73 2.07 -14.54
C ALA A 520 5.12 2.64 -14.86
N ASP A 521 6.03 2.71 -13.90
CA ASP A 521 7.38 3.24 -14.14
C ASP A 521 8.29 2.19 -14.76
N ASN A 522 9.25 2.63 -15.58
CA ASN A 522 10.32 1.71 -15.98
C ASN A 522 11.59 1.88 -15.13
N GLY A 523 11.58 2.78 -14.16
CA GLY A 523 12.73 3.08 -13.33
C GLY A 523 13.16 4.55 -13.39
N ASP A 524 12.99 5.17 -14.54
CA ASP A 524 13.37 6.56 -14.76
C ASP A 524 12.70 7.51 -13.79
N ILE A 525 11.40 7.33 -13.48
CA ILE A 525 10.76 8.26 -12.57
C ILE A 525 11.29 8.10 -11.15
N LEU A 526 11.28 6.90 -10.58
CA LEU A 526 11.72 6.70 -9.20
C LEU A 526 13.23 6.96 -9.06
N ASN A 527 14.00 6.63 -10.10
CA ASN A 527 15.42 7.02 -10.09
C ASN A 527 15.54 8.52 -9.88
N SER A 528 14.82 9.32 -10.66
CA SER A 528 14.90 10.78 -10.53
C SER A 528 14.34 11.29 -9.23
N MET A 529 13.25 10.69 -8.72
CA MET A 529 12.77 11.11 -7.38
C MET A 529 13.88 11.03 -6.33
N ASN A 530 14.55 9.88 -6.29
CA ASN A 530 15.66 9.61 -5.38
C ASN A 530 16.83 10.57 -5.57
N ALA A 531 17.32 10.72 -6.79
CA ALA A 531 18.46 11.58 -7.07
C ALA A 531 18.16 13.05 -6.79
N SER A 532 16.99 13.52 -7.22
CA SER A 532 16.64 14.93 -7.11
C SER A 532 16.48 15.39 -5.67
N LEU A 533 16.15 14.45 -4.77
CA LEU A 533 16.06 14.73 -3.34
C LEU A 533 17.40 14.56 -2.61
N GLY A 534 18.42 14.12 -3.32
CA GLY A 534 19.76 14.08 -2.71
C GLY A 534 20.09 12.75 -2.08
N ASN A 535 19.35 11.67 -2.34
CA ASN A 535 19.77 10.34 -1.90
C ASN A 535 21.00 9.84 -2.66
N SER A 536 21.94 9.24 -1.93
CA SER A 536 23.17 8.76 -2.57
C SER A 536 22.95 7.48 -3.37
N ALA A 537 23.53 7.36 -4.54
CA ALA A 537 23.55 6.09 -5.25
C ALA A 537 24.15 5.00 -4.38
N GLY A 538 23.64 3.77 -4.52
CA GLY A 538 24.24 2.63 -3.87
C GLY A 538 23.33 1.93 -2.88
N VAL A 539 23.94 1.11 -2.02
CA VAL A 539 23.22 0.30 -1.04
C VAL A 539 23.80 0.57 0.36
N GLN A 540 23.00 0.39 1.40
CA GLN A 540 23.61 0.20 2.72
C GLN A 540 23.57 -1.26 3.16
C1 NAG B . -10.31 17.73 -12.38
C2 NAG B . -9.51 17.48 -11.13
C3 NAG B . -8.99 16.07 -11.10
C4 NAG B . -10.14 15.06 -11.31
C5 NAG B . -11.07 15.50 -12.49
C6 NAG B . -12.36 14.70 -12.47
C7 NAG B . -8.40 19.36 -9.99
C8 NAG B . -7.20 20.24 -9.97
N2 NAG B . -8.36 18.41 -10.96
O1 NAG B . -10.83 19.03 -12.34
O3 NAG B . -8.44 15.92 -9.78
O4 NAG B . -9.60 13.77 -11.65
O5 NAG B . -11.45 16.84 -12.30
O6 NAG B . -13.10 14.92 -11.33
O7 NAG B . -9.26 19.49 -9.24
C1 NAG B . -9.51 12.89 -10.55
C2 NAG B . -9.27 11.49 -11.06
C3 NAG B . -8.82 10.49 -10.02
C4 NAG B . -7.69 10.99 -9.09
C5 NAG B . -8.05 12.44 -8.67
C6 NAG B . -6.88 13.13 -7.99
C7 NAG B . -10.71 10.81 -12.97
C8 NAG B . -12.14 10.63 -13.39
N2 NAG B . -10.52 10.93 -11.63
O3 NAG B . -8.36 9.35 -10.75
O4 NAG B . -7.62 10.11 -7.97
O5 NAG B . -8.33 13.26 -9.80
O6 NAG B . -7.31 14.37 -7.53
O7 NAG B . -9.82 10.84 -13.68
C1 NAG B . -6.40 9.88 -7.34
C2 NAG B . -6.48 8.58 -6.54
C3 NAG B . -6.57 7.30 -7.36
C4 NAG B . -6.38 7.66 -8.86
C5 NAG B . -5.09 8.53 -8.92
C6 NAG B . -4.64 8.77 -10.33
C7 NAG B . -5.23 8.52 -4.31
C8 NAG B . -3.85 8.50 -3.79
N2 NAG B . -5.31 8.48 -5.65
O3 NAG B . -7.86 6.73 -7.17
O4 NAG B . -6.10 6.51 -9.67
O5 NAG B . -5.34 9.76 -8.31
O6 NAG B . -5.61 9.30 -11.17
O7 NAG B . -6.17 8.56 -3.65
C1 NAG B . -7.23 5.83 -10.18
C2 NAG B . -6.73 4.96 -11.34
C3 NAG B . -7.80 4.00 -11.77
C4 NAG B . -8.37 3.24 -10.55
C5 NAG B . -8.84 4.25 -9.49
C6 NAG B . -9.40 3.55 -8.26
C7 NAG B . -4.97 5.92 -12.82
C8 NAG B . -4.51 7.22 -13.38
N2 NAG B . -6.29 5.85 -12.46
O3 NAG B . -7.26 3.00 -12.64
O4 NAG B . -9.47 2.39 -10.85
O5 NAG B . -7.68 4.95 -9.13
O6 NAG B . -9.83 4.49 -7.33
O7 NAG B . -4.25 5.03 -12.68
C1 NAG B . -9.08 1.06 -11.12
C2 NAG B . -10.02 0.11 -10.45
C3 NAG B . -9.70 -1.30 -10.90
C4 NAG B . -9.65 -1.44 -12.44
C5 NAG B . -8.78 -0.32 -13.06
C6 NAG B . -8.96 -0.32 -14.58
C7 NAG B . -10.83 0.46 -8.10
C8 NAG B . -10.50 0.19 -6.66
N2 NAG B . -9.84 0.11 -8.97
O3 NAG B . -10.63 -2.23 -10.39
O4 NAG B . -8.94 -2.63 -12.80
O5 NAG B . -9.13 0.94 -12.57
O6 NAG B . -7.93 0.35 -15.22
O7 NAG B . -11.81 0.94 -8.45
C1 NAG B . -9.66 -3.82 -12.86
C2 NAG B . -8.77 -4.85 -13.58
C3 NAG B . -9.39 -6.21 -13.56
C4 NAG B . -9.81 -6.66 -12.14
C5 NAG B . -10.54 -5.49 -11.44
C6 NAG B . -10.88 -5.79 -10.01
C7 NAG B . -7.28 -3.74 -15.21
C8 NAG B . -7.13 -3.27 -16.62
N2 NAG B . -8.42 -4.40 -14.94
O3 NAG B . -8.41 -7.12 -14.04
O4 NAG B . -10.54 -7.86 -12.08
O5 NAG B . -9.71 -4.34 -11.51
O6 NAG B . -11.93 -5.05 -9.49
O7 NAG B . -6.44 -3.56 -14.45
C1 NAG B . -9.88 -9.04 -12.20
C2 NAG B . -10.76 -10.23 -11.99
C3 NAG B . -9.89 -11.44 -11.91
C4 NAG B . -9.03 -11.54 -13.14
C5 NAG B . -8.61 -10.27 -13.84
C6 NAG B . -8.48 -10.48 -15.31
C7 NAG B . -12.98 -9.32 -11.11
C8 NAG B . -14.03 -8.86 -12.04
N2 NAG B . -11.95 -10.19 -11.20
O3 NAG B . -10.64 -12.58 -11.65
O4 NAG B . -7.89 -12.32 -13.01
O5 NAG B . -9.41 -9.18 -13.53
O6 NAG B . -7.29 -10.28 -15.92
O7 NAG B . -12.98 -8.91 -10.04
C1 NAG B . -7.88 -13.55 -13.67
C2 NAG B . -6.54 -13.88 -14.29
C3 NAG B . -5.47 -14.28 -13.38
C4 NAG B . -5.99 -14.40 -11.99
C5 NAG B . -7.36 -14.93 -11.76
C6 NAG B . -7.96 -14.63 -10.46
C7 NAG B . -7.69 -14.44 -16.44
C8 NAG B . -9.12 -14.84 -16.63
N2 NAG B . -6.93 -14.83 -15.38
O3 NAG B . -4.25 -13.66 -13.56
O4 NAG B . -5.19 -14.93 -11.01
O5 NAG B . -8.25 -14.61 -12.77
O6 NAG B . -9.35 -14.78 -10.41
O7 NAG B . -7.12 -13.75 -17.15
#